data_4ETJ
#
_entry.id   4ETJ
#
_cell.length_a   65.930
_cell.length_b   65.930
_cell.length_c   89.260
_cell.angle_alpha   90.00
_cell.angle_beta   90.00
_cell.angle_gamma   90.00
#
_symmetry.space_group_name_H-M   'P 43 21 2'
#
loop_
_entity.id
_entity.type
_entity.pdbx_description
1 polymer 'Serine hydrolase'
2 non-polymer 'CHLORIDE ION'
3 non-polymer 2-{2-[2-(2-{2-[2-(2-ETHOXY-ETHOXY)-ETHOXY]-ETHOXY}-ETHOXY)-ETHOXY]-ETHOXY}-ETHANOL
4 non-polymer 3,6,9,12,15,18,21,24-OCTAOXAHEXACOSAN-1-OL
5 non-polymer 'PHOSPHORYL-HEXAETHYLENE GLYCOL'
6 water water
#
_entity_poly.entity_id   1
_entity_poly.type   'polypeptide(L)'
_entity_poly.pdbx_seq_one_letter_code
;MARIRHVQGDITEFQGDAIVNAANNYLKLGAGVAGAILRKGGPSIQEECDRIGKIRVGEAAVTGAGNLPVRYVIHAAVLG
DEPASLETVRKATKSALEKAVELGLKTVAFTALGAWVGGLPAEAVLRVMLEEIKKAPDTLEVTGVHGTEKSAEAARRALL
EHHHHHH
;
_entity_poly.pdbx_strand_id   A
#
# COMPACT_ATOMS: atom_id res chain seq x y z
N ALA A 2 -3.16 14.67 -1.72
CA ALA A 2 -3.97 13.85 -0.82
C ALA A 2 -3.58 14.05 0.63
N ARG A 3 -4.55 13.93 1.53
CA ARG A 3 -4.29 14.00 2.97
C ARG A 3 -3.58 12.75 3.47
N ILE A 4 -2.85 12.91 4.58
CA ILE A 4 -2.09 11.80 5.17
C ILE A 4 -2.28 11.74 6.68
N ARG A 5 -2.49 10.54 7.20
CA ARG A 5 -2.50 10.33 8.64
C ARG A 5 -1.69 9.09 8.94
N HIS A 6 -1.06 9.08 10.11
CA HIS A 6 -0.30 7.94 10.57
C HIS A 6 -0.84 7.41 11.89
N VAL A 7 -1.21 6.14 11.89
CA VAL A 7 -1.76 5.55 13.10
C VAL A 7 -1.20 4.15 13.33
N GLN A 8 -1.29 3.70 14.57
CA GLN A 8 -0.95 2.32 14.89
C GLN A 8 -2.17 1.45 14.65
N GLY A 9 -1.94 0.27 14.09
CA GLY A 9 -3.01 -0.70 13.94
C GLY A 9 -2.64 -1.91 13.10
N ASP A 10 -3.66 -2.62 12.68
CA ASP A 10 -3.51 -3.80 11.85
C ASP A 10 -4.20 -3.47 10.54
N ILE A 11 -3.43 -3.40 9.46
CA ILE A 11 -4.00 -2.89 8.21
C ILE A 11 -5.14 -3.76 7.70
N THR A 12 -5.15 -5.04 8.07
CA THR A 12 -6.22 -5.95 7.65
C THR A 12 -7.56 -5.69 8.34
N GLU A 13 -7.55 -4.82 9.35
CA GLU A 13 -8.77 -4.45 10.04
C GLU A 13 -9.19 -3.02 9.70
N PHE A 14 -8.45 -2.39 8.78
CA PHE A 14 -8.78 -1.06 8.28
C PHE A 14 -10.19 -1.04 7.75
N GLN A 15 -10.95 0.00 8.10
CA GLN A 15 -12.36 0.02 7.79
C GLN A 15 -12.73 1.11 6.77
N GLY A 16 -11.99 1.19 5.68
CA GLY A 16 -12.28 2.18 4.65
C GLY A 16 -12.53 1.59 3.28
N ASP A 17 -12.19 2.34 2.23
CA ASP A 17 -12.38 1.87 0.86
C ASP A 17 -11.41 0.79 0.36
N ALA A 18 -10.12 0.90 0.69
CA ALA A 18 -9.14 -0.04 0.16
C ALA A 18 -7.94 -0.13 1.07
N ILE A 19 -7.22 -1.24 0.98
CA ILE A 19 -5.87 -1.32 1.55
C ILE A 19 -4.91 -1.66 0.42
N VAL A 20 -3.67 -1.23 0.54
CA VAL A 20 -2.70 -1.50 -0.51
C VAL A 20 -1.79 -2.63 -0.04
N ASN A 21 -1.68 -3.66 -0.87
CA ASN A 21 -0.81 -4.80 -0.60
C ASN A 21 0.53 -4.62 -1.30
N ALA A 22 1.62 -4.78 -0.57
CA ALA A 22 2.94 -4.87 -1.19
C ALA A 22 3.06 -6.22 -1.92
N ALA A 23 2.87 -6.20 -3.24
CA ALA A 23 2.80 -7.45 -4.00
C ALA A 23 4.06 -7.74 -4.81
N ASN A 24 4.22 -9.00 -5.21
CA ASN A 24 5.14 -9.33 -6.29
C ASN A 24 4.40 -9.22 -7.63
N ASN A 25 5.12 -9.15 -8.75
CA ASN A 25 4.45 -8.92 -10.02
C ASN A 25 3.68 -10.14 -10.57
N TYR A 26 3.83 -11.28 -9.90
CA TYR A 26 3.03 -12.47 -10.21
C TYR A 26 1.71 -12.50 -9.43
N LEU A 27 1.54 -11.52 -8.55
CA LEU A 27 0.35 -11.41 -7.72
C LEU A 27 0.09 -12.69 -6.93
N LYS A 28 1.18 -13.34 -6.49
CA LYS A 28 1.08 -14.51 -5.64
C LYS A 28 1.19 -14.05 -4.19
N LEU A 29 0.13 -14.25 -3.39
CA LEU A 29 0.11 -13.76 -2.01
C LEU A 29 0.84 -14.70 -1.07
N GLY A 30 1.88 -14.19 -0.42
CA GLY A 30 2.70 -15.04 0.44
C GLY A 30 3.35 -14.31 1.61
N ALA A 31 4.51 -13.74 1.36
CA ALA A 31 5.31 -13.13 2.42
C ALA A 31 4.82 -11.73 2.80
N GLY A 32 4.83 -11.46 4.11
CA GLY A 32 4.55 -10.13 4.62
C GLY A 32 3.09 -9.92 4.92
N VAL A 33 2.60 -8.70 4.66
CA VAL A 33 1.19 -8.39 4.88
C VAL A 33 0.28 -9.23 3.98
N ALA A 34 0.77 -9.55 2.78
CA ALA A 34 0.01 -10.34 1.81
C ALA A 34 -0.50 -11.62 2.41
N GLY A 35 0.33 -12.27 3.22
CA GLY A 35 -0.07 -13.48 3.92
C GLY A 35 -1.23 -13.24 4.86
N ALA A 36 -1.16 -12.16 5.62
CA ALA A 36 -2.25 -11.78 6.50
C ALA A 36 -3.51 -11.46 5.69
N ILE A 37 -3.33 -10.77 4.55
CA ILE A 37 -4.44 -10.42 3.67
C ILE A 37 -5.16 -11.66 3.18
N LEU A 38 -4.40 -12.64 2.71
CA LEU A 38 -4.96 -13.91 2.25
C LEU A 38 -5.64 -14.75 3.36
N ARG A 39 -5.09 -14.74 4.57
CA ARG A 39 -5.72 -15.51 5.68
C ARG A 39 -7.06 -14.89 6.09
N LYS A 40 -7.06 -13.57 6.28
CA LYS A 40 -8.22 -12.88 6.82
C LYS A 40 -9.25 -12.53 5.76
N GLY A 41 -8.80 -12.40 4.51
CA GLY A 41 -9.68 -12.04 3.41
C GLY A 41 -10.20 -13.28 2.73
N GLY A 42 -9.37 -14.32 2.75
CA GLY A 42 -9.75 -15.63 2.24
C GLY A 42 -9.33 -15.87 0.81
N PRO A 43 -9.61 -17.08 0.31
CA PRO A 43 -9.13 -17.62 -0.97
C PRO A 43 -9.56 -16.83 -2.20
N SER A 44 -10.70 -16.14 -2.12
CA SER A 44 -11.24 -15.44 -3.29
C SER A 44 -10.29 -14.35 -3.78
N ILE A 45 -9.54 -13.76 -2.86
CA ILE A 45 -8.55 -12.73 -3.22
C ILE A 45 -7.46 -13.26 -4.17
N GLN A 46 -6.82 -14.38 -3.79
CA GLN A 46 -5.86 -15.05 -4.65
C GLN A 46 -6.48 -15.54 -5.95
N GLU A 47 -7.71 -16.05 -5.87
CA GLU A 47 -8.38 -16.55 -7.07
C GLU A 47 -8.54 -15.43 -8.08
N GLU A 48 -8.96 -14.26 -7.61
CA GLU A 48 -9.13 -13.10 -8.47
C GLU A 48 -7.78 -12.64 -9.03
N CYS A 49 -6.75 -12.64 -8.18
CA CYS A 49 -5.39 -12.37 -8.64
C CYS A 49 -4.94 -13.28 -9.77
N ASP A 50 -5.35 -14.55 -9.71
CA ASP A 50 -5.03 -15.53 -10.73
C ASP A 50 -5.72 -15.19 -12.04
N ARG A 51 -6.94 -14.66 -11.95
CA ARG A 51 -7.68 -14.22 -13.13
C ARG A 51 -6.92 -13.07 -13.83
N ILE A 52 -6.39 -12.16 -13.03
CA ILE A 52 -5.57 -11.06 -13.57
C ILE A 52 -4.27 -11.58 -14.21
N GLY A 53 -3.57 -12.46 -13.50
CA GLY A 53 -2.31 -13.00 -14.01
C GLY A 53 -1.14 -12.07 -13.77
N LYS A 54 0.02 -12.45 -14.30
CA LYS A 54 1.25 -11.70 -14.11
C LYS A 54 1.17 -10.26 -14.59
N ILE A 55 1.56 -9.33 -13.71
CA ILE A 55 1.75 -7.96 -14.14
C ILE A 55 3.22 -7.53 -14.15
N ARG A 56 3.43 -6.23 -14.18
CA ARG A 56 4.75 -5.68 -14.32
C ARG A 56 5.18 -5.06 -12.98
N VAL A 57 6.43 -5.24 -12.58
CA VAL A 57 6.91 -4.55 -11.38
C VAL A 57 6.72 -3.05 -11.59
N GLY A 58 6.11 -2.36 -10.62
CA GLY A 58 5.78 -0.96 -10.75
C GLY A 58 4.31 -0.69 -11.08
N GLU A 59 3.59 -1.74 -11.47
CA GLU A 59 2.16 -1.62 -11.74
C GLU A 59 1.34 -1.99 -10.50
N ALA A 60 0.03 -1.77 -10.57
CA ALA A 60 -0.90 -2.11 -9.50
C ALA A 60 -2.11 -2.78 -10.09
N ALA A 61 -2.77 -3.64 -9.31
CA ALA A 61 -4.01 -4.28 -9.76
C ALA A 61 -5.01 -4.34 -8.64
N VAL A 62 -6.29 -4.24 -8.99
CA VAL A 62 -7.33 -4.21 -7.99
C VAL A 62 -8.15 -5.49 -7.98
N THR A 63 -8.38 -6.03 -6.79
CA THR A 63 -9.32 -7.13 -6.60
C THR A 63 -10.32 -6.76 -5.49
N GLY A 64 -11.36 -7.57 -5.34
CA GLY A 64 -12.27 -7.46 -4.21
C GLY A 64 -11.52 -7.88 -2.96
N ALA A 65 -12.02 -7.52 -1.79
CA ALA A 65 -11.27 -7.78 -0.57
C ALA A 65 -11.78 -8.96 0.25
N GLY A 66 -12.56 -9.83 -0.38
CA GLY A 66 -13.06 -11.01 0.32
C GLY A 66 -13.77 -10.68 1.62
N ASN A 67 -13.35 -11.33 2.70
CA ASN A 67 -13.98 -11.14 4.01
C ASN A 67 -13.38 -9.98 4.81
N LEU A 68 -12.48 -9.22 4.21
CA LEU A 68 -11.96 -8.01 4.84
C LEU A 68 -13.01 -6.89 4.82
N PRO A 69 -12.98 -6.01 5.83
CA PRO A 69 -13.98 -4.95 5.89
C PRO A 69 -13.70 -3.79 4.94
N VAL A 70 -12.84 -3.98 3.95
CA VAL A 70 -12.63 -2.98 2.91
C VAL A 70 -13.32 -3.39 1.62
N ARG A 71 -13.49 -2.42 0.74
CA ARG A 71 -14.09 -2.66 -0.57
C ARG A 71 -13.11 -3.35 -1.52
N TYR A 72 -11.87 -2.87 -1.50
CA TYR A 72 -10.88 -3.32 -2.49
C TYR A 72 -9.51 -3.60 -1.88
N VAL A 73 -8.81 -4.58 -2.45
CA VAL A 73 -7.36 -4.69 -2.22
C VAL A 73 -6.60 -4.23 -3.47
N ILE A 74 -5.70 -3.29 -3.29
CA ILE A 74 -4.90 -2.78 -4.40
C ILE A 74 -3.52 -3.39 -4.28
N HIS A 75 -3.18 -4.22 -5.25
CA HIS A 75 -1.93 -4.96 -5.21
C HIS A 75 -0.84 -4.20 -5.96
N ALA A 76 0.05 -3.59 -5.20
CA ALA A 76 1.07 -2.73 -5.75
C ALA A 76 2.34 -3.53 -5.87
N ALA A 77 2.73 -3.86 -7.10
CA ALA A 77 3.86 -4.76 -7.34
C ALA A 77 5.20 -4.03 -7.19
N VAL A 78 5.95 -4.35 -6.13
CA VAL A 78 7.18 -3.64 -5.82
C VAL A 78 8.40 -4.48 -6.12
N LEU A 79 8.18 -5.74 -6.42
CA LEU A 79 9.30 -6.64 -6.68
C LEU A 79 8.84 -7.88 -7.42
N GLY A 80 9.78 -8.74 -7.74
CA GLY A 80 9.47 -9.99 -8.44
C GLY A 80 10.57 -10.33 -9.40
N ASP A 81 10.40 -9.99 -10.68
CA ASP A 81 11.45 -10.28 -11.66
C ASP A 81 12.62 -9.34 -11.42
N GLU A 82 12.33 -8.19 -10.85
CA GLU A 82 13.37 -7.26 -10.45
C GLU A 82 13.29 -7.09 -8.94
N PRO A 83 14.43 -6.85 -8.30
CA PRO A 83 14.43 -6.55 -6.86
C PRO A 83 13.79 -5.19 -6.54
N ALA A 84 13.30 -5.03 -5.32
CA ALA A 84 12.68 -3.79 -4.91
C ALA A 84 13.71 -2.66 -4.84
N SER A 85 13.29 -1.47 -5.24
CA SER A 85 14.18 -0.31 -5.23
C SER A 85 13.32 0.92 -4.96
N LEU A 86 13.91 2.08 -4.71
CA LEU A 86 13.11 3.30 -4.50
C LEU A 86 12.30 3.64 -5.75
N GLU A 87 12.80 3.21 -6.89
CA GLU A 87 12.15 3.47 -8.16
C GLU A 87 10.88 2.61 -8.33
N THR A 88 10.97 1.33 -7.97
CA THR A 88 9.79 0.47 -8.10
C THR A 88 8.74 0.89 -7.04
N VAL A 89 9.21 1.33 -5.90
CA VAL A 89 8.33 1.81 -4.85
C VAL A 89 7.62 3.07 -5.31
N ARG A 90 8.36 3.95 -5.98
CA ARG A 90 7.73 5.17 -6.49
C ARG A 90 6.63 4.83 -7.51
N LYS A 91 6.96 4.00 -8.49
CA LYS A 91 6.03 3.62 -9.55
C LYS A 91 4.80 2.88 -9.00
N ALA A 92 5.01 1.95 -8.09
CA ALA A 92 3.92 1.17 -7.53
C ALA A 92 3.00 2.03 -6.68
N THR A 93 3.58 2.95 -5.90
CA THR A 93 2.77 3.87 -5.07
C THR A 93 1.93 4.73 -6.00
N LYS A 94 2.58 5.27 -7.02
CA LYS A 94 1.86 6.06 -8.02
C LYS A 94 0.78 5.22 -8.74
N SER A 95 1.07 3.96 -9.08
CA SER A 95 0.07 3.12 -9.75
C SER A 95 -1.11 2.83 -8.81
N ALA A 96 -0.80 2.60 -7.54
CA ALA A 96 -1.83 2.34 -6.52
C ALA A 96 -2.74 3.55 -6.33
N LEU A 97 -2.14 4.73 -6.26
CA LEU A 97 -2.90 5.97 -6.14
C LEU A 97 -3.79 6.19 -7.37
N GLU A 98 -3.27 5.89 -8.56
CA GLU A 98 -4.04 6.08 -9.79
C GLU A 98 -5.27 5.17 -9.81
N LYS A 99 -5.16 3.95 -9.30
CA LYS A 99 -6.31 3.07 -9.24
C LYS A 99 -7.35 3.60 -8.25
N ALA A 100 -6.87 4.11 -7.12
CA ALA A 100 -7.75 4.64 -6.08
C ALA A 100 -8.58 5.80 -6.63
N VAL A 101 -7.92 6.70 -7.33
CA VAL A 101 -8.59 7.85 -7.91
C VAL A 101 -9.53 7.40 -9.01
N GLU A 102 -9.11 6.40 -9.79
CA GLU A 102 -9.95 5.91 -10.88
C GLU A 102 -11.26 5.30 -10.38
N LEU A 103 -11.25 4.82 -9.14
CA LEU A 103 -12.43 4.19 -8.56
C LEU A 103 -13.18 5.17 -7.66
N GLY A 104 -12.69 6.41 -7.58
CA GLY A 104 -13.30 7.41 -6.72
C GLY A 104 -13.25 7.02 -5.25
N LEU A 105 -12.12 6.50 -4.80
CA LEU A 105 -11.98 6.10 -3.40
C LEU A 105 -11.67 7.29 -2.50
N LYS A 106 -12.08 7.22 -1.23
CA LYS A 106 -11.89 8.34 -0.31
C LYS A 106 -10.87 8.02 0.77
N THR A 107 -10.80 6.75 1.19
CA THR A 107 -9.88 6.35 2.25
C THR A 107 -9.13 5.08 1.85
N VAL A 108 -7.81 5.15 1.92
CA VAL A 108 -6.94 4.05 1.48
C VAL A 108 -5.79 3.87 2.47
N ALA A 109 -5.55 2.65 2.92
CA ALA A 109 -4.47 2.39 3.85
C ALA A 109 -3.26 1.77 3.14
N PHE A 110 -2.06 2.15 3.58
CA PHE A 110 -0.84 1.64 3.00
C PHE A 110 0.04 1.24 4.16
N THR A 111 0.97 0.32 3.90
CA THR A 111 2.15 0.17 4.73
C THR A 111 3.35 0.70 3.93
N ALA A 112 4.55 0.63 4.50
CA ALA A 112 5.73 1.17 3.85
C ALA A 112 6.21 0.20 2.78
N LEU A 113 5.70 0.37 1.56
CA LEU A 113 5.92 -0.57 0.46
C LEU A 113 7.40 -0.85 0.19
N GLY A 114 7.77 -2.13 0.19
CA GLY A 114 9.14 -2.49 -0.07
C GLY A 114 10.07 -2.40 1.12
N ALA A 115 9.58 -1.94 2.27
CA ALA A 115 10.48 -1.86 3.43
C ALA A 115 10.57 -3.16 4.25
N TRP A 116 9.61 -4.05 4.08
CA TRP A 116 9.68 -5.33 4.79
C TRP A 116 10.26 -6.41 3.88
N VAL A 117 9.46 -6.87 2.94
CA VAL A 117 9.85 -7.96 2.07
C VAL A 117 10.94 -7.50 1.09
N GLY A 118 10.92 -6.22 0.73
CA GLY A 118 11.89 -5.66 -0.19
C GLY A 118 13.24 -5.33 0.42
N GLY A 119 13.31 -5.12 1.73
CA GLY A 119 14.58 -4.81 2.38
C GLY A 119 15.02 -3.35 2.38
N LEU A 120 14.21 -2.45 1.83
CA LEU A 120 14.61 -1.04 1.74
C LEU A 120 14.42 -0.31 3.07
N PRO A 121 15.23 0.73 3.31
CA PRO A 121 15.04 1.43 4.58
C PRO A 121 13.74 2.23 4.62
N ALA A 122 13.05 2.15 5.75
CA ALA A 122 11.73 2.76 5.91
C ALA A 122 11.73 4.27 5.65
N GLU A 123 12.74 4.98 6.15
CA GLU A 123 12.82 6.42 6.01
C GLU A 123 12.85 6.88 4.54
N ALA A 124 13.64 6.21 3.72
CA ALA A 124 13.67 6.55 2.30
C ALA A 124 12.36 6.18 1.60
N VAL A 125 11.81 5.02 1.93
CA VAL A 125 10.53 4.58 1.36
C VAL A 125 9.40 5.55 1.68
N LEU A 126 9.32 5.97 2.94
CA LEU A 126 8.28 6.91 3.34
C LEU A 126 8.43 8.25 2.62
N ARG A 127 9.66 8.71 2.43
CA ARG A 127 9.87 9.93 1.67
C ARG A 127 9.39 9.84 0.22
N VAL A 128 9.73 8.76 -0.49
CA VAL A 128 9.21 8.68 -1.86
C VAL A 128 7.69 8.52 -1.90
N MET A 129 7.12 7.76 -0.97
CA MET A 129 5.66 7.64 -0.86
C MET A 129 5.03 9.01 -0.62
N LEU A 130 5.61 9.76 0.30
CA LEU A 130 5.12 11.10 0.61
C LEU A 130 5.05 11.97 -0.65
N GLU A 131 6.11 11.93 -1.45
CA GLU A 131 6.19 12.71 -2.69
C GLU A 131 5.12 12.31 -3.69
N GLU A 132 4.84 11.02 -3.79
CA GLU A 132 3.78 10.56 -4.69
C GLU A 132 2.37 10.87 -4.14
N ILE A 133 2.19 10.72 -2.84
CA ILE A 133 0.87 10.93 -2.24
C ILE A 133 0.43 12.39 -2.36
N LYS A 134 1.39 13.31 -2.27
CA LYS A 134 1.10 14.73 -2.41
C LYS A 134 0.53 15.09 -3.78
N LYS A 135 0.71 14.22 -4.77
CA LYS A 135 0.20 14.50 -6.11
C LYS A 135 -1.26 14.07 -6.33
N ALA A 136 -1.78 13.21 -5.45
CA ALA A 136 -3.14 12.70 -5.58
C ALA A 136 -4.14 13.78 -5.12
N PRO A 137 -5.40 13.71 -5.59
CA PRO A 137 -6.34 14.78 -5.22
C PRO A 137 -6.68 14.78 -3.72
N ASP A 138 -7.09 15.94 -3.20
CA ASP A 138 -7.42 16.05 -1.78
C ASP A 138 -8.71 15.33 -1.37
N THR A 139 -9.44 14.77 -2.34
CA THR A 139 -10.61 13.96 -2.05
C THR A 139 -10.18 12.64 -1.41
N LEU A 140 -8.88 12.36 -1.47
CA LEU A 140 -8.36 11.09 -0.99
C LEU A 140 -7.57 11.26 0.29
N GLU A 141 -7.82 10.38 1.25
CA GLU A 141 -7.04 10.34 2.48
C GLU A 141 -6.28 9.02 2.57
N VAL A 142 -4.96 9.13 2.66
CA VAL A 142 -4.10 7.99 2.84
C VAL A 142 -3.76 7.79 4.32
N THR A 143 -4.00 6.58 4.81
CA THR A 143 -3.65 6.21 6.16
C THR A 143 -2.44 5.29 6.11
N GLY A 144 -1.35 5.68 6.77
CA GLY A 144 -0.24 4.78 6.99
C GLY A 144 -0.45 4.02 8.28
N VAL A 145 -0.42 2.69 8.21
CA VAL A 145 -0.67 1.87 9.38
C VAL A 145 0.63 1.27 9.92
N HIS A 146 0.90 1.49 11.21
CA HIS A 146 2.15 1.02 11.81
C HIS A 146 1.91 -0.03 12.88
N GLY A 147 2.90 -0.90 13.08
CA GLY A 147 2.82 -1.89 14.14
C GLY A 147 2.98 -1.27 15.52
N THR A 148 3.65 -0.12 15.56
CA THR A 148 3.99 0.50 16.84
C THR A 148 3.54 1.95 16.87
N GLU A 149 3.20 2.45 18.06
CA GLU A 149 2.88 3.86 18.21
C GLU A 149 4.14 4.71 18.08
N LYS A 150 5.28 4.14 18.49
CA LYS A 150 6.57 4.81 18.35
C LYS A 150 6.88 5.04 16.87
N SER A 151 6.64 4.00 16.07
CA SER A 151 6.72 4.10 14.62
C SER A 151 5.80 5.18 14.03
N ALA A 152 4.52 5.13 14.38
CA ALA A 152 3.56 6.11 13.87
C ALA A 152 3.89 7.54 14.31
N GLU A 153 4.32 7.68 15.55
CA GLU A 153 4.66 9.00 16.07
C GLU A 153 5.84 9.59 15.32
N ALA A 154 6.78 8.73 14.92
CA ALA A 154 7.94 9.16 14.18
C ALA A 154 7.55 9.72 12.81
N ALA A 155 6.73 8.98 12.07
CA ALA A 155 6.27 9.45 10.75
C ALA A 155 5.42 10.72 10.90
N ARG A 156 4.64 10.78 11.97
CA ARG A 156 3.84 11.95 12.28
C ARG A 156 4.72 13.18 12.56
N ARG A 157 5.82 12.96 13.28
CA ARG A 157 6.78 14.01 13.53
C ARG A 157 7.43 14.47 12.22
N ALA A 158 7.81 13.50 11.38
CA ALA A 158 8.41 13.81 10.08
C ALA A 158 7.48 14.65 9.23
N LEU A 159 6.20 14.27 9.24
CA LEU A 159 5.18 14.94 8.45
C LEU A 159 4.98 16.38 8.91
N LEU A 160 5.08 16.64 10.21
CA LEU A 160 5.01 18.01 10.72
C LEU A 160 6.27 18.82 10.35
N GLU A 161 7.44 18.17 10.39
CA GLU A 161 8.71 18.80 9.98
C GLU A 161 8.66 19.25 8.52
N HIS A 162 7.83 18.57 7.73
CA HIS A 162 7.68 18.84 6.31
C HIS A 162 7.04 20.21 6.02
N HIS A 163 6.38 20.78 7.03
CA HIS A 163 5.74 22.10 6.92
C HIS A 163 6.70 23.24 7.27
N HIS A 164 7.98 22.94 7.33
CA HIS A 164 9.01 23.96 7.55
C HIS A 164 10.10 23.83 6.48
N HIS A 165 9.81 24.27 5.26
CA HIS A 165 8.53 24.84 4.88
C HIS A 165 7.80 23.96 3.87
#